data_8YD9
#
_entry.id   8YD9
#
_cell.length_a   45.785
_cell.length_b   85.643
_cell.length_c   126.935
_cell.angle_alpha   90.000
_cell.angle_beta   90.000
_cell.angle_gamma   90.000
#
_symmetry.space_group_name_H-M   'P 21 21 21'
#
loop_
_entity.id
_entity.type
_entity.pdbx_description
1 polymer 'Mitogen-activated protein kinase 14'
2 non-polymer 13-[4-({Imidazo[1,2-a]pyridin-2-yl}methoxy)phenyl]-4,8-dioxa-12,14,16,18-tetraazatetracyclo[9.7.0.0^{3,9}.0^{12,17}]octadeca-1(11),2,9,15,17-pentaen-15-amine
3 non-polymer GLYCEROL
4 water water
#
_entity_poly.entity_id   1
_entity_poly.type   'polypeptide(L)'
_entity_poly.pdbx_seq_one_letter_code
;MSQERPTFYRQELNKTIWEVPERYQNLSPVGSGAYGSVCAAFDTKTGLRVAVKKLSRPFQSIIHAKRTYRELRLLKHMKH
ENVIGLLDVFTPARSLEEFNDVYLVTHLMGADLNNIVKCQKLTDDHVQFLIYQILRGLKYIHSADIIHRDLKPSNLAVNE
DCELKILDFGLARHTDDEMTGYVATRWYRAPEIMLNWMHYNQTVDIWSVGCIMAELLTGRTLFPGTDHIDQLKLILRLVG
TPGAELLKKISSESARNYIQSLTQMPKMNFANVFIGANPLAVDLLEKMLVLDSDKRITAAQALAHAYFAQYHDPDDEPVA
DPYDQSFESRDLLIDEWKSLTYDEVISFVPPPLDQEEMES
;
_entity_poly.pdbx_strand_id   A
#
loop_
_chem_comp.id
_chem_comp.type
_chem_comp.name
_chem_comp.formula
6GI non-polymer 13-[4-({Imidazo[1,2-a]pyridin-2-yl}methoxy)phenyl]-4,8-dioxa-12,14,16,18-tetraazatetracyclo[9.7.0.0^{3,9}.0^{12,17}]octadeca-1(11),2,9,15,17-pentaen-15-amine 'C26 H23 N7 O3'
GOL non-polymer GLYCEROL 'C3 H8 O3'
#
# COMPACT_ATOMS: atom_id res chain seq x y z
N GLU A 4 -25.46 5.98 21.54
CA GLU A 4 -25.12 6.77 22.72
C GLU A 4 -23.61 7.00 22.82
N ARG A 5 -23.23 8.24 23.10
CA ARG A 5 -21.83 8.57 23.25
C ARG A 5 -21.22 7.77 24.39
N PRO A 6 -20.12 7.07 24.15
CA PRO A 6 -19.36 6.51 25.27
C PRO A 6 -18.74 7.62 26.11
N THR A 7 -18.31 7.24 27.30
CA THR A 7 -17.50 8.11 28.14
C THR A 7 -16.05 8.06 27.69
N PHE A 8 -15.44 9.24 27.57
CA PHE A 8 -14.06 9.40 27.18
C PHE A 8 -13.22 9.76 28.42
N TYR A 9 -11.94 9.40 28.38
CA TYR A 9 -10.99 9.82 29.41
C TYR A 9 -9.72 10.31 28.73
N ARG A 10 -8.93 11.11 29.45
CA ARG A 10 -7.80 11.84 28.90
C ARG A 10 -6.47 11.34 29.43
N GLN A 11 -5.42 11.52 28.62
CA GLN A 11 -4.10 11.01 28.96
C GLN A 11 -3.06 11.76 28.14
N GLU A 12 -1.85 11.90 28.69
CA GLU A 12 -0.77 12.69 28.09
C GLU A 12 0.05 11.93 27.05
N LEU A 13 0.54 10.74 27.36
CA LEU A 13 1.10 9.85 26.33
C LEU A 13 2.26 10.53 25.60
N ASN A 14 2.27 10.57 24.27
CA ASN A 14 3.37 11.12 23.48
C ASN A 14 3.85 12.46 24.01
N LYS A 15 3.53 13.49 23.24
CA LYS A 15 3.63 14.87 23.66
C LYS A 15 2.25 15.52 23.64
N THR A 16 1.22 14.77 23.26
N THR A 16 1.22 14.75 23.31
CA THR A 16 -0.10 15.33 23.00
CA THR A 16 -0.11 15.26 22.97
C THR A 16 -1.15 14.63 23.86
C THR A 16 -1.15 14.62 23.88
N ILE A 17 -2.27 15.31 24.05
CA ILE A 17 -3.35 14.80 24.89
C ILE A 17 -4.17 13.81 24.09
N TRP A 18 -4.42 12.64 24.67
CA TRP A 18 -5.24 11.61 24.02
C TRP A 18 -6.57 11.49 24.77
N GLU A 19 -7.68 11.57 24.03
CA GLU A 19 -9.02 11.47 24.60
C GLU A 19 -9.74 10.31 23.92
N VAL A 20 -9.97 9.21 24.64
CA VAL A 20 -10.47 7.99 23.98
C VAL A 20 -11.56 7.36 24.83
N PRO A 21 -12.47 6.62 24.20
CA PRO A 21 -13.51 5.90 24.97
C PRO A 21 -12.88 4.93 25.96
N GLU A 22 -13.53 4.77 27.12
N GLU A 22 -13.55 4.77 27.11
CA GLU A 22 -12.96 3.94 28.18
CA GLU A 22 -13.04 3.92 28.18
C GLU A 22 -12.80 2.47 27.77
C GLU A 22 -12.74 2.50 27.71
N ARG A 23 -13.44 2.03 26.70
CA ARG A 23 -13.21 0.67 26.22
C ARG A 23 -11.74 0.43 25.90
N TYR A 24 -11.01 1.47 25.48
CA TYR A 24 -9.62 1.32 25.09
C TYR A 24 -8.73 1.56 26.30
N GLN A 25 -7.94 0.55 26.67
CA GLN A 25 -7.13 0.58 27.87
C GLN A 25 -5.66 0.31 27.55
N ASN A 26 -4.79 0.68 28.50
CA ASN A 26 -3.35 0.37 28.43
C ASN A 26 -2.70 0.95 27.18
N LEU A 27 -2.96 2.22 26.90
CA LEU A 27 -2.32 2.89 25.78
C LEU A 27 -0.82 2.99 26.01
N SER A 28 -0.04 2.58 25.02
N SER A 28 -0.05 2.61 25.01
CA SER A 28 1.42 2.74 25.07
CA SER A 28 1.40 2.70 25.04
C SER A 28 1.86 3.21 23.69
C SER A 28 1.89 3.18 23.67
N PRO A 29 2.61 4.30 23.60
CA PRO A 29 3.05 4.79 22.28
C PRO A 29 3.95 3.81 21.57
N VAL A 30 3.77 3.70 20.26
CA VAL A 30 4.63 2.86 19.44
C VAL A 30 5.25 3.59 18.26
N GLY A 31 4.67 4.68 17.79
CA GLY A 31 5.24 5.37 16.66
C GLY A 31 4.64 6.75 16.55
N SER A 32 5.39 7.63 15.87
CA SER A 32 4.95 9.01 15.70
C SER A 32 5.62 9.56 14.46
N GLY A 33 4.89 10.39 13.74
CA GLY A 33 5.41 11.03 12.56
C GLY A 33 4.65 12.30 12.26
N ALA A 34 4.83 12.79 11.03
CA ALA A 34 4.11 13.98 10.60
C ALA A 34 2.66 13.70 10.23
N TYR A 35 2.29 12.43 10.04
CA TYR A 35 0.92 12.05 9.75
C TYR A 35 0.07 11.95 11.01
N GLY A 36 0.66 11.54 12.11
CA GLY A 36 -0.06 11.34 13.35
C GLY A 36 0.66 10.37 14.26
N SER A 37 0.28 10.40 15.52
CA SER A 37 0.88 9.54 16.53
C SER A 37 0.07 8.25 16.67
N VAL A 38 0.75 7.16 17.00
CA VAL A 38 0.09 5.86 17.14
C VAL A 38 0.38 5.28 18.51
N CYS A 39 -0.65 4.68 19.11
CA CYS A 39 -0.56 3.97 20.38
C CYS A 39 -1.11 2.57 20.23
N ALA A 40 -0.48 1.62 20.90
CA ALA A 40 -1.08 0.30 21.09
C ALA A 40 -2.04 0.36 22.26
N ALA A 41 -3.10 -0.45 22.19
CA ALA A 41 -4.10 -0.49 23.24
C ALA A 41 -4.79 -1.84 23.24
N PHE A 42 -5.53 -2.10 24.30
CA PHE A 42 -6.34 -3.28 24.40
C PHE A 42 -7.80 -2.84 24.38
N ASP A 43 -8.56 -3.33 23.40
CA ASP A 43 -9.98 -3.00 23.28
C ASP A 43 -10.75 -3.97 24.15
N THR A 44 -11.18 -3.51 25.33
CA THR A 44 -11.84 -4.44 26.24
C THR A 44 -13.20 -4.88 25.73
N LYS A 45 -13.76 -4.18 24.73
CA LYS A 45 -15.08 -4.59 24.28
C LYS A 45 -15.01 -5.75 23.29
N THR A 46 -13.88 -5.91 22.59
CA THR A 46 -13.72 -6.96 21.59
C THR A 46 -12.66 -7.99 21.94
N GLY A 47 -11.78 -7.71 22.91
CA GLY A 47 -10.67 -8.58 23.21
C GLY A 47 -9.50 -8.45 22.26
N LEU A 48 -9.45 -7.42 21.44
CA LEU A 48 -8.40 -7.28 20.42
C LEU A 48 -7.34 -6.30 20.87
N ARG A 49 -6.08 -6.63 20.54
CA ARG A 49 -5.02 -5.63 20.59
C ARG A 49 -5.13 -4.77 19.35
N VAL A 50 -5.14 -3.45 19.55
CA VAL A 50 -5.48 -2.52 18.49
C VAL A 50 -4.40 -1.44 18.41
N ALA A 51 -4.30 -0.86 17.22
CA ALA A 51 -3.54 0.37 17.00
C ALA A 51 -4.52 1.53 16.94
N VAL A 52 -4.27 2.57 17.74
CA VAL A 52 -5.07 3.79 17.75
C VAL A 52 -4.20 4.90 17.20
N LYS A 53 -4.63 5.48 16.09
CA LYS A 53 -3.87 6.52 15.42
C LYS A 53 -4.63 7.84 15.57
N LYS A 54 -3.98 8.83 16.17
CA LYS A 54 -4.53 10.17 16.28
C LYS A 54 -3.96 11.01 15.15
N LEU A 55 -4.82 11.46 14.25
CA LEU A 55 -4.32 12.24 13.11
C LEU A 55 -3.75 13.56 13.60
N SER A 56 -2.66 13.99 12.98
CA SER A 56 -1.99 15.23 13.31
C SER A 56 -2.48 16.31 12.35
N ARG A 57 -3.09 17.36 12.89
CA ARG A 57 -3.56 18.49 12.12
C ARG A 57 -4.41 18.01 10.93
N PRO A 58 -5.49 17.28 11.20
CA PRO A 58 -6.28 16.71 10.10
C PRO A 58 -6.82 17.73 9.11
N PHE A 59 -7.09 18.96 9.56
CA PHE A 59 -7.81 19.94 8.75
C PHE A 59 -7.04 21.25 8.61
N GLN A 60 -5.72 21.20 8.64
N GLN A 60 -5.72 21.19 8.66
CA GLN A 60 -4.94 22.43 8.66
CA GLN A 60 -4.92 22.41 8.66
C GLN A 60 -4.82 23.10 7.29
C GLN A 60 -4.91 23.12 7.30
N SER A 61 -5.18 22.41 6.21
CA SER A 61 -5.22 23.02 4.88
C SER A 61 -6.21 22.23 4.03
N ILE A 62 -6.49 22.77 2.84
CA ILE A 62 -7.40 22.04 1.94
C ILE A 62 -6.81 20.69 1.59
N ILE A 63 -5.51 20.67 1.26
CA ILE A 63 -4.87 19.41 0.90
C ILE A 63 -4.93 18.43 2.07
N HIS A 64 -4.65 18.91 3.29
CA HIS A 64 -4.76 18.05 4.47
C HIS A 64 -6.19 17.58 4.70
N ALA A 65 -7.16 18.49 4.57
CA ALA A 65 -8.55 18.12 4.85
C ALA A 65 -9.03 17.05 3.86
N LYS A 66 -8.67 17.20 2.59
CA LYS A 66 -9.07 16.21 1.59
C LYS A 66 -8.40 14.85 1.86
N ARG A 67 -7.13 14.87 2.26
CA ARG A 67 -6.41 13.64 2.52
C ARG A 67 -7.04 12.89 3.70
N THR A 68 -7.44 13.64 4.72
CA THR A 68 -8.14 13.02 5.85
C THR A 68 -9.42 12.34 5.41
N TYR A 69 -10.20 13.04 4.59
CA TYR A 69 -11.43 12.45 4.05
C TYR A 69 -11.12 11.24 3.18
N ARG A 70 -10.08 11.33 2.36
CA ARG A 70 -9.72 10.21 1.48
C ARG A 70 -9.34 8.98 2.30
N GLU A 71 -8.53 9.16 3.35
CA GLU A 71 -8.12 8.03 4.19
C GLU A 71 -9.33 7.36 4.85
N LEU A 72 -10.22 8.17 5.43
CA LEU A 72 -11.39 7.60 6.10
C LEU A 72 -12.30 6.87 5.11
N ARG A 73 -12.54 7.45 3.94
CA ARG A 73 -13.35 6.77 2.92
C ARG A 73 -12.74 5.43 2.56
N LEU A 74 -11.42 5.40 2.37
N LEU A 74 -11.42 5.41 2.34
CA LEU A 74 -10.76 4.17 1.92
CA LEU A 74 -10.75 4.18 1.94
C LEU A 74 -10.81 3.10 3.01
C LEU A 74 -10.86 3.11 3.02
N LEU A 75 -10.51 3.48 4.25
N LEU A 75 -10.49 3.46 4.26
CA LEU A 75 -10.51 2.51 5.34
CA LEU A 75 -10.50 2.48 5.34
C LEU A 75 -11.91 1.99 5.62
C LEU A 75 -11.92 1.99 5.64
N LYS A 76 -12.93 2.86 5.51
CA LYS A 76 -14.29 2.40 5.71
C LYS A 76 -14.72 1.40 4.64
N HIS A 77 -14.13 1.46 3.45
CA HIS A 77 -14.61 0.58 2.39
C HIS A 77 -14.01 -0.81 2.44
N MET A 78 -12.80 -0.94 2.97
CA MET A 78 -11.96 -2.13 2.78
C MET A 78 -12.47 -3.25 3.69
N LYS A 79 -13.09 -4.28 3.12
CA LYS A 79 -13.64 -5.40 3.91
C LYS A 79 -13.21 -6.71 3.25
N HIS A 80 -11.99 -7.16 3.56
CA HIS A 80 -11.36 -8.30 2.91
C HIS A 80 -10.33 -8.90 3.87
N GLU A 81 -10.21 -10.23 3.86
CA GLU A 81 -9.29 -10.91 4.78
C GLU A 81 -7.85 -10.47 4.61
N ASN A 82 -7.45 -10.07 3.40
CA ASN A 82 -6.05 -9.74 3.12
C ASN A 82 -5.80 -8.24 3.02
N VAL A 83 -6.70 -7.42 3.55
CA VAL A 83 -6.54 -5.98 3.54
C VAL A 83 -6.93 -5.45 4.90
N ILE A 84 -6.15 -4.52 5.44
CA ILE A 84 -6.49 -3.93 6.73
C ILE A 84 -7.79 -3.16 6.61
N GLY A 85 -8.69 -3.39 7.56
CA GLY A 85 -9.93 -2.67 7.63
C GLY A 85 -9.99 -1.75 8.85
N LEU A 86 -11.12 -1.07 8.97
N LEU A 86 -11.11 -1.08 8.99
CA LEU A 86 -11.35 -0.15 10.07
CA LEU A 86 -11.32 -0.13 10.07
C LEU A 86 -12.13 -0.85 11.17
C LEU A 86 -12.15 -0.77 11.18
N LEU A 87 -11.57 -0.89 12.37
CA LEU A 87 -12.31 -1.42 13.52
C LEU A 87 -13.20 -0.37 14.17
N ASP A 88 -12.77 0.89 14.17
CA ASP A 88 -13.46 1.97 14.87
C ASP A 88 -12.90 3.28 14.38
N VAL A 89 -13.73 4.32 14.46
CA VAL A 89 -13.26 5.69 14.28
C VAL A 89 -14.07 6.54 15.22
N PHE A 90 -13.42 7.47 15.91
CA PHE A 90 -14.17 8.26 16.88
C PHE A 90 -13.58 9.67 16.99
N THR A 91 -14.36 10.57 17.55
CA THR A 91 -13.91 11.91 17.92
C THR A 91 -14.52 12.25 19.27
N PRO A 92 -13.79 12.96 20.14
CA PRO A 92 -14.41 13.42 21.39
C PRO A 92 -15.38 14.55 21.20
N ALA A 93 -15.37 15.20 20.04
CA ALA A 93 -16.26 16.33 19.81
C ALA A 93 -17.72 15.87 19.85
N ARG A 94 -18.59 16.76 20.30
CA ARG A 94 -20.01 16.44 20.44
C ARG A 94 -20.85 17.06 19.32
N SER A 95 -20.21 17.80 18.42
CA SER A 95 -20.89 18.53 17.36
C SER A 95 -19.86 18.87 16.29
N LEU A 96 -20.36 19.19 15.09
CA LEU A 96 -19.45 19.61 14.03
C LEU A 96 -18.66 20.86 14.42
N GLU A 97 -19.26 21.77 15.21
CA GLU A 97 -18.60 23.02 15.54
C GLU A 97 -17.37 22.82 16.41
N GLU A 98 -17.34 21.77 17.21
CA GLU A 98 -16.17 21.46 18.04
C GLU A 98 -15.34 20.32 17.49
N PHE A 99 -15.57 19.92 16.23
CA PHE A 99 -14.88 18.79 15.62
C PHE A 99 -13.48 19.22 15.17
N ASN A 100 -12.44 18.65 15.79
CA ASN A 100 -11.06 18.96 15.44
C ASN A 100 -10.14 17.75 15.42
N ASP A 101 -10.52 16.62 15.99
CA ASP A 101 -9.62 15.50 16.14
C ASP A 101 -10.27 14.23 15.61
N VAL A 102 -9.46 13.38 14.98
CA VAL A 102 -9.91 12.12 14.40
C VAL A 102 -8.99 11.02 14.87
N TYR A 103 -9.58 9.93 15.36
CA TYR A 103 -8.85 8.75 15.80
C TYR A 103 -9.32 7.54 15.00
N LEU A 104 -8.37 6.75 14.49
CA LEU A 104 -8.64 5.55 13.72
C LEU A 104 -8.12 4.34 14.48
N VAL A 105 -8.93 3.28 14.52
CA VAL A 105 -8.58 2.07 15.27
C VAL A 105 -8.51 0.89 14.29
N THR A 106 -7.37 0.21 14.27
CA THR A 106 -7.15 -0.95 13.41
C THR A 106 -6.50 -2.07 14.21
N HIS A 107 -6.50 -3.26 13.62
CA HIS A 107 -5.85 -4.39 14.26
C HIS A 107 -4.39 -4.07 14.51
N LEU A 108 -3.90 -4.39 15.72
CA LEU A 108 -2.47 -4.21 16.00
C LEU A 108 -1.67 -5.25 15.25
N MET A 109 -0.82 -4.78 14.36
CA MET A 109 -0.09 -5.67 13.47
C MET A 109 1.30 -5.80 14.06
N GLY A 110 1.83 -7.02 14.09
CA GLY A 110 3.14 -7.23 14.65
C GLY A 110 4.22 -7.20 13.60
N ALA A 111 4.57 -8.36 13.07
CA ALA A 111 5.66 -8.45 12.12
C ALA A 111 5.19 -8.07 10.72
N ASP A 112 6.13 -7.60 9.91
CA ASP A 112 5.89 -7.34 8.51
C ASP A 112 6.80 -8.25 7.68
N LEU A 113 6.62 -8.20 6.36
CA LEU A 113 7.37 -9.08 5.48
C LEU A 113 8.88 -8.88 5.63
N ASN A 114 9.32 -7.71 6.07
CA ASN A 114 10.74 -7.50 6.35
C ASN A 114 11.22 -8.40 7.47
N ASN A 115 10.45 -8.52 8.55
CA ASN A 115 10.80 -9.38 9.67
C ASN A 115 10.65 -10.86 9.34
N ILE A 116 10.62 -11.21 8.06
CA ILE A 116 10.50 -12.60 7.62
C ILE A 116 11.57 -12.92 6.55
N VAL A 117 11.89 -11.93 5.70
CA VAL A 117 12.75 -12.23 4.56
C VAL A 117 14.18 -12.52 5.00
N LYS A 118 14.71 -11.75 5.94
CA LYS A 118 16.07 -11.97 6.44
C LYS A 118 15.99 -12.60 7.83
N CYS A 119 15.64 -13.89 7.83
CA CYS A 119 15.67 -14.76 9.01
C CYS A 119 15.44 -16.20 8.54
N GLN A 120 14.30 -16.44 7.90
CA GLN A 120 13.96 -17.73 7.31
C GLN A 120 14.51 -17.80 5.89
N LYS A 121 14.82 -19.02 5.45
CA LYS A 121 15.08 -19.20 4.03
C LYS A 121 13.81 -19.22 3.20
N LEU A 122 12.64 -19.32 3.86
CA LEU A 122 11.35 -19.44 3.20
C LEU A 122 11.31 -20.53 2.14
N THR A 123 10.46 -21.53 2.37
CA THR A 123 10.26 -22.55 1.37
C THR A 123 9.46 -21.99 0.20
N ASP A 124 9.55 -22.68 -0.94
CA ASP A 124 8.73 -22.28 -2.09
C ASP A 124 7.26 -22.32 -1.76
N ASP A 125 6.85 -23.23 -0.85
CA ASP A 125 5.44 -23.25 -0.43
C ASP A 125 5.07 -22.00 0.34
N HIS A 126 5.96 -21.51 1.21
CA HIS A 126 5.69 -20.25 1.90
C HIS A 126 5.60 -19.09 0.90
N VAL A 127 6.51 -19.04 -0.07
CA VAL A 127 6.45 -17.97 -1.07
C VAL A 127 5.12 -18.04 -1.82
N GLN A 128 4.71 -19.23 -2.24
CA GLN A 128 3.41 -19.40 -2.93
C GLN A 128 2.28 -18.79 -2.12
N PHE A 129 2.21 -19.14 -0.84
CA PHE A 129 1.10 -18.71 0.01
C PHE A 129 1.13 -17.21 0.25
N LEU A 130 2.32 -16.65 0.51
CA LEU A 130 2.43 -15.22 0.75
C LEU A 130 2.04 -14.43 -0.50
N ILE A 131 2.58 -14.80 -1.66
CA ILE A 131 2.25 -14.03 -2.86
C ILE A 131 0.79 -14.23 -3.24
N TYR A 132 0.25 -15.45 -3.03
CA TYR A 132 -1.15 -15.70 -3.31
C TYR A 132 -2.05 -14.73 -2.55
N GLN A 133 -1.72 -14.49 -1.28
CA GLN A 133 -2.54 -13.62 -0.45
C GLN A 133 -2.43 -12.16 -0.89
N ILE A 134 -1.22 -11.71 -1.24
CA ILE A 134 -1.07 -10.36 -1.79
CA ILE A 134 -1.09 -10.35 -1.78
C ILE A 134 -1.95 -10.19 -3.01
N LEU A 135 -1.92 -11.18 -3.92
CA LEU A 135 -2.70 -11.10 -5.15
C LEU A 135 -4.20 -11.19 -4.86
N ARG A 136 -4.58 -12.01 -3.88
CA ARG A 136 -5.99 -12.08 -3.48
C ARG A 136 -6.49 -10.73 -2.98
N GLY A 137 -5.72 -10.09 -2.10
CA GLY A 137 -6.06 -8.74 -1.66
C GLY A 137 -6.04 -7.73 -2.80
N LEU A 138 -5.05 -7.84 -3.70
N LEU A 138 -5.08 -7.86 -3.72
CA LEU A 138 -4.96 -6.93 -4.83
CA LEU A 138 -4.97 -6.91 -4.83
C LEU A 138 -6.17 -7.07 -5.76
C LEU A 138 -6.11 -7.07 -5.82
N LYS A 139 -6.58 -8.30 -6.05
CA LYS A 139 -7.74 -8.47 -6.91
C LYS A 139 -8.93 -7.70 -6.35
N TYR A 140 -9.11 -7.78 -5.03
CA TYR A 140 -10.18 -7.06 -4.35
C TYR A 140 -9.97 -5.55 -4.49
N ILE A 141 -8.78 -5.05 -4.15
CA ILE A 141 -8.52 -3.60 -4.21
C ILE A 141 -8.75 -3.07 -5.63
N HIS A 142 -8.21 -3.78 -6.62
CA HIS A 142 -8.29 -3.32 -8.01
C HIS A 142 -9.71 -3.36 -8.56
N SER A 143 -10.54 -4.29 -8.08
CA SER A 143 -11.93 -4.36 -8.53
C SER A 143 -12.73 -3.14 -8.12
N ALA A 144 -12.24 -2.36 -7.15
CA ALA A 144 -12.88 -1.11 -6.78
C ALA A 144 -12.21 0.09 -7.46
N ASP A 145 -11.33 -0.17 -8.44
CA ASP A 145 -10.51 0.90 -9.05
C ASP A 145 -9.69 1.67 -8.01
N ILE A 146 -9.18 0.96 -7.01
CA ILE A 146 -8.23 1.52 -6.06
C ILE A 146 -6.85 1.00 -6.40
N ILE A 147 -5.87 1.89 -6.52
CA ILE A 147 -4.48 1.53 -6.72
C ILE A 147 -3.74 1.76 -5.40
N HIS A 148 -2.99 0.76 -4.94
CA HIS A 148 -2.24 0.97 -3.70
C HIS A 148 -1.16 2.01 -3.89
N ARG A 149 -0.29 1.81 -4.89
CA ARG A 149 0.74 2.77 -5.29
C ARG A 149 2.03 2.63 -4.49
N ASP A 150 2.03 1.93 -3.36
CA ASP A 150 3.20 1.98 -2.48
C ASP A 150 3.44 0.62 -1.84
N LEU A 151 3.22 -0.45 -2.61
N LEU A 151 3.26 -0.45 -2.60
CA LEU A 151 3.40 -1.79 -2.07
CA LEU A 151 3.44 -1.78 -2.06
C LEU A 151 4.88 -2.09 -1.90
C LEU A 151 4.92 -2.06 -1.86
N LYS A 152 5.24 -2.51 -0.70
N LYS A 152 5.28 -2.43 -0.63
CA LYS A 152 6.60 -2.93 -0.37
CA LYS A 152 6.64 -2.82 -0.27
C LYS A 152 6.50 -3.84 0.84
C LYS A 152 6.55 -3.73 0.93
N PRO A 153 7.61 -4.49 1.24
CA PRO A 153 7.51 -5.43 2.36
C PRO A 153 7.05 -4.81 3.66
N SER A 154 7.40 -3.54 3.91
CA SER A 154 7.01 -2.93 5.19
C SER A 154 5.53 -2.61 5.26
N ASN A 155 4.81 -2.71 4.13
N ASN A 155 4.80 -2.64 4.14
CA ASN A 155 3.37 -2.48 4.09
CA ASN A 155 3.35 -2.45 4.20
C ASN A 155 2.59 -3.77 4.08
C ASN A 155 2.58 -3.76 4.11
N LEU A 156 3.23 -4.88 4.43
CA LEU A 156 2.60 -6.20 4.43
C LEU A 156 2.79 -6.79 5.81
N ALA A 157 1.70 -6.96 6.56
CA ALA A 157 1.74 -7.60 7.86
C ALA A 157 1.56 -9.10 7.70
N VAL A 158 2.32 -9.87 8.48
CA VAL A 158 2.28 -11.32 8.42
C VAL A 158 2.28 -11.84 9.84
N ASN A 159 1.29 -12.66 10.20
CA ASN A 159 1.24 -13.17 11.56
C ASN A 159 2.04 -14.48 11.63
N GLU A 160 2.06 -15.09 12.80
CA GLU A 160 2.88 -16.27 12.97
C GLU A 160 2.43 -17.43 12.09
N ASP A 161 1.22 -17.38 11.57
CA ASP A 161 0.70 -18.42 10.70
C ASP A 161 0.88 -18.10 9.21
N CYS A 162 1.77 -17.16 8.87
CA CYS A 162 1.98 -16.65 7.52
C CYS A 162 0.71 -16.10 6.89
N GLU A 163 -0.29 -15.74 7.69
CA GLU A 163 -1.43 -14.99 7.17
C GLU A 163 -1.02 -13.53 6.98
N LEU A 164 -1.47 -12.93 5.87
CA LEU A 164 -0.95 -11.65 5.41
C LEU A 164 -2.08 -10.64 5.18
N LYS A 165 -1.78 -9.36 5.46
CA LYS A 165 -2.70 -8.26 5.22
C LYS A 165 -1.95 -7.08 4.60
N ILE A 166 -2.58 -6.45 3.60
CA ILE A 166 -2.01 -5.27 2.96
C ILE A 166 -2.35 -4.03 3.79
N LEU A 167 -1.35 -3.18 4.06
CA LEU A 167 -1.44 -2.04 4.97
C LEU A 167 -1.15 -0.74 4.23
N ASP A 168 -1.42 0.39 4.90
N ASP A 168 -1.53 0.35 4.88
CA ASP A 168 -0.88 1.71 4.52
CA ASP A 168 -1.28 1.73 4.45
C ASP A 168 -0.88 1.99 3.02
C ASP A 168 -2.23 2.17 3.35
N PHE A 169 -2.06 2.24 2.47
N PHE A 169 -1.78 2.04 2.11
CA PHE A 169 -2.17 2.58 1.06
CA PHE A 169 -2.40 2.63 0.93
C PHE A 169 -1.42 3.87 0.74
C PHE A 169 -1.74 3.97 0.63
N GLY A 170 -1.13 4.05 -0.55
CA GLY A 170 -0.42 5.24 -1.00
C GLY A 170 -1.32 6.43 -1.15
N LEU A 171 -1.59 7.13 -0.05
N LEU A 171 -1.47 7.15 -0.04
CA LEU A 171 -2.57 8.21 -0.09
CA LEU A 171 -2.01 8.50 -0.02
C LEU A 171 -2.03 9.50 -0.68
C LEU A 171 -1.08 9.48 0.67
N ALA A 172 -0.88 9.44 -1.34
N ALA A 172 -0.15 9.00 1.50
CA ALA A 172 -0.25 10.59 -1.99
CA ALA A 172 0.77 9.88 2.22
C ALA A 172 0.57 11.42 -1.03
C ALA A 172 1.52 10.80 1.27
N ARG A 173 1.83 11.03 -0.84
N ARG A 173 1.80 10.34 0.05
CA ARG A 173 2.74 11.83 -0.02
CA ARG A 173 2.29 11.19 -1.04
C ARG A 173 4.16 11.66 -0.54
C ARG A 173 3.79 11.47 -0.98
N HIS A 174 4.90 10.71 0.04
N HIS A 174 4.56 10.64 -0.27
CA HIS A 174 6.32 10.48 -0.19
CA HIS A 174 6.02 10.66 -0.19
C HIS A 174 6.98 11.66 -0.90
C HIS A 174 6.71 11.84 -0.88
N THR A 175 7.51 12.60 -0.12
CA THR A 175 8.21 13.74 -0.68
C THR A 175 9.38 13.31 -1.56
N ASP A 176 9.80 14.24 -2.43
CA ASP A 176 10.89 13.92 -3.35
C ASP A 176 12.16 13.54 -2.60
N ASP A 177 12.39 14.14 -1.44
CA ASP A 177 13.60 13.84 -0.68
C ASP A 177 13.55 12.44 -0.08
N GLU A 178 12.35 11.98 0.30
CA GLU A 178 12.20 10.62 0.82
C GLU A 178 12.44 9.57 -0.26
N MET A 179 12.40 9.95 -1.53
CA MET A 179 12.53 9.01 -2.62
C MET A 179 13.91 9.07 -3.26
N THR A 180 14.82 9.85 -2.68
CA THR A 180 16.16 10.08 -3.21
C THR A 180 17.17 9.08 -2.65
N GLY A 181 18.00 8.53 -3.53
CA GLY A 181 19.14 7.74 -3.08
C GLY A 181 18.92 6.25 -2.92
N TYR A 182 19.70 5.64 -2.02
CA TYR A 182 19.68 4.19 -1.81
C TYR A 182 18.63 3.89 -0.75
N VAL A 183 17.35 3.84 -1.18
CA VAL A 183 16.22 3.83 -0.25
C VAL A 183 15.18 2.80 -0.69
N ALA A 184 14.73 1.97 0.25
CA ALA A 184 13.65 1.02 -0.06
C ALA A 184 12.35 1.71 -0.45
N THR A 185 12.22 3.02 -0.17
CA THR A 185 11.01 3.72 -0.58
C THR A 185 10.84 3.76 -2.08
N ARG A 186 11.89 3.48 -2.86
CA ARG A 186 11.82 3.53 -4.31
C ARG A 186 12.06 2.19 -4.99
N TRP A 187 12.63 1.21 -4.30
CA TRP A 187 13.08 -0.03 -4.95
C TRP A 187 11.95 -0.89 -5.51
N TYR A 188 10.71 -0.68 -5.04
CA TYR A 188 9.59 -1.50 -5.48
C TYR A 188 8.68 -0.77 -6.46
N ARG A 189 9.01 0.45 -6.85
CA ARG A 189 8.12 1.22 -7.72
C ARG A 189 8.32 0.88 -9.19
N ALA A 190 7.20 0.82 -9.91
CA ALA A 190 7.25 0.58 -11.35
C ALA A 190 8.01 1.72 -12.02
N PRO A 191 8.77 1.45 -13.09
CA PRO A 191 9.54 2.53 -13.72
C PRO A 191 8.66 3.66 -14.24
N GLU A 192 7.45 3.36 -14.73
N GLU A 192 7.47 3.36 -14.76
CA GLU A 192 6.60 4.42 -15.27
CA GLU A 192 6.60 4.41 -15.25
C GLU A 192 6.15 5.40 -14.19
C GLU A 192 6.27 5.42 -14.16
N ILE A 193 6.07 4.95 -12.93
CA ILE A 193 5.79 5.85 -11.81
C ILE A 193 7.06 6.55 -11.35
N MET A 194 8.15 5.78 -11.19
CA MET A 194 9.45 6.31 -10.78
C MET A 194 9.82 7.56 -11.56
N LEU A 195 9.66 7.53 -12.88
N LEU A 195 9.67 7.52 -12.88
CA LEU A 195 10.15 8.57 -13.76
CA LEU A 195 10.14 8.57 -13.77
C LEU A 195 9.04 9.41 -14.38
C LEU A 195 9.02 9.31 -14.48
N ASN A 196 7.78 9.20 -13.98
CA ASN A 196 6.64 9.94 -14.54
C ASN A 196 6.59 9.83 -16.06
N TRP A 197 6.61 8.59 -16.56
CA TRP A 197 6.58 8.37 -18.00
C TRP A 197 5.22 8.66 -18.59
N MET A 198 4.15 8.44 -17.83
CA MET A 198 2.83 8.30 -18.43
C MET A 198 1.82 8.19 -17.30
N HIS A 199 0.55 8.30 -17.68
CA HIS A 199 -0.53 8.10 -16.72
C HIS A 199 -0.63 6.62 -16.41
N TYR A 200 -0.42 6.27 -15.14
CA TYR A 200 -0.23 4.87 -14.77
C TYR A 200 -1.54 4.20 -14.37
N ASN A 201 -1.55 2.88 -14.49
CA ASN A 201 -2.72 2.07 -14.17
C ASN A 201 -2.44 1.17 -12.98
N GLN A 202 -3.42 0.34 -12.64
CA GLN A 202 -3.27 -0.46 -11.44
C GLN A 202 -2.20 -1.54 -11.58
N THR A 203 -1.73 -1.78 -12.80
CA THR A 203 -0.55 -2.63 -13.03
C THR A 203 0.70 -2.18 -12.30
N VAL A 204 0.80 -0.92 -11.87
CA VAL A 204 1.97 -0.54 -11.09
C VAL A 204 2.10 -1.45 -9.87
N ASP A 205 0.97 -1.85 -9.29
CA ASP A 205 1.03 -2.70 -8.11
C ASP A 205 1.58 -4.09 -8.45
N ILE A 206 1.29 -4.58 -9.66
CA ILE A 206 1.80 -5.90 -10.04
C ILE A 206 3.32 -5.87 -10.17
N TRP A 207 3.88 -4.76 -10.67
CA TRP A 207 5.34 -4.63 -10.69
C TRP A 207 5.93 -4.78 -9.30
N SER A 208 5.35 -4.07 -8.32
CA SER A 208 5.80 -4.20 -6.93
C SER A 208 5.71 -5.64 -6.46
N VAL A 209 4.63 -6.36 -6.81
CA VAL A 209 4.52 -7.75 -6.36
C VAL A 209 5.66 -8.58 -6.95
N GLY A 210 6.01 -8.34 -8.22
CA GLY A 210 7.14 -9.06 -8.79
C GLY A 210 8.44 -8.80 -8.05
N CYS A 211 8.68 -7.54 -7.67
CA CYS A 211 9.87 -7.21 -6.89
C CYS A 211 9.88 -7.90 -5.53
N ILE A 212 8.70 -7.97 -4.90
CA ILE A 212 8.60 -8.62 -3.60
C ILE A 212 8.80 -10.13 -3.72
N MET A 213 8.10 -10.76 -4.68
CA MET A 213 8.31 -12.18 -5.01
C MET A 213 9.78 -12.53 -5.18
N ALA A 214 10.46 -11.78 -6.05
CA ALA A 214 11.86 -12.05 -6.31
C ALA A 214 12.67 -12.02 -5.03
N GLU A 215 12.46 -10.98 -4.22
CA GLU A 215 13.16 -10.84 -2.94
C GLU A 215 12.86 -11.98 -1.98
N LEU A 216 11.60 -12.47 -1.95
CA LEU A 216 11.29 -13.64 -1.13
C LEU A 216 12.06 -14.87 -1.62
N LEU A 217 12.25 -14.99 -2.93
CA LEU A 217 12.93 -16.17 -3.46
C LEU A 217 14.42 -16.14 -3.23
N THR A 218 15.07 -14.98 -3.37
CA THR A 218 16.52 -14.87 -3.34
C THR A 218 17.05 -14.38 -2.01
N GLY A 219 16.21 -13.74 -1.19
CA GLY A 219 16.68 -13.07 0.00
C GLY A 219 17.36 -11.75 -0.24
N ARG A 220 17.26 -11.19 -1.46
CA ARG A 220 17.94 -9.96 -1.84
C ARG A 220 17.00 -9.03 -2.58
N THR A 221 17.20 -7.72 -2.40
CA THR A 221 16.47 -6.73 -3.19
C THR A 221 16.72 -6.95 -4.67
N LEU A 222 15.65 -6.87 -5.47
CA LEU A 222 15.78 -7.12 -6.90
C LEU A 222 16.48 -5.96 -7.59
N PHE A 223 16.05 -4.73 -7.30
CA PHE A 223 16.54 -3.54 -7.98
C PHE A 223 17.00 -2.50 -6.94
N PRO A 224 18.09 -2.77 -6.23
CA PRO A 224 18.54 -1.81 -5.19
C PRO A 224 19.33 -0.65 -5.76
N GLY A 225 18.64 0.21 -6.50
CA GLY A 225 19.31 1.32 -7.15
C GLY A 225 19.80 2.35 -6.14
N THR A 226 20.96 2.96 -6.43
CA THR A 226 21.48 4.02 -5.59
C THR A 226 20.81 5.37 -5.87
N ASP A 227 19.99 5.44 -6.91
CA ASP A 227 19.22 6.63 -7.27
C ASP A 227 18.33 6.22 -8.44
N HIS A 228 17.48 7.16 -8.88
CA HIS A 228 16.50 6.86 -9.92
C HIS A 228 17.15 6.26 -11.17
N ILE A 229 18.25 6.87 -11.62
CA ILE A 229 18.83 6.47 -12.90
C ILE A 229 19.58 5.15 -12.77
N ASP A 230 20.33 4.97 -11.67
CA ASP A 230 20.93 3.67 -11.40
C ASP A 230 19.89 2.58 -11.34
N GLN A 231 18.75 2.86 -10.68
CA GLN A 231 17.73 1.83 -10.59
C GLN A 231 17.14 1.51 -11.96
N LEU A 232 16.92 2.54 -12.78
CA LEU A 232 16.44 2.27 -14.14
C LEU A 232 17.40 1.36 -14.88
N LYS A 233 18.71 1.60 -14.74
CA LYS A 233 19.69 0.76 -15.41
C LYS A 233 19.62 -0.68 -14.93
N LEU A 234 19.44 -0.89 -13.63
CA LEU A 234 19.27 -2.26 -13.12
C LEU A 234 18.03 -2.91 -13.73
N ILE A 235 16.94 -2.16 -13.85
CA ILE A 235 15.70 -2.71 -14.39
C ILE A 235 15.90 -3.09 -15.87
N LEU A 236 16.46 -2.18 -16.66
CA LEU A 236 16.54 -2.45 -18.10
C LEU A 236 17.56 -3.54 -18.41
N ARG A 237 18.58 -3.69 -17.56
CA ARG A 237 19.47 -4.84 -17.73
C ARG A 237 18.72 -6.17 -17.62
N LEU A 238 17.75 -6.25 -16.70
CA LEU A 238 17.02 -7.51 -16.54
C LEU A 238 15.96 -7.69 -17.62
N VAL A 239 15.14 -6.67 -17.86
CA VAL A 239 13.97 -6.85 -18.72
C VAL A 239 14.20 -6.40 -20.16
N GLY A 240 15.32 -5.78 -20.47
CA GLY A 240 15.61 -5.28 -21.79
C GLY A 240 15.16 -3.84 -21.97
N THR A 241 15.83 -3.13 -22.88
CA THR A 241 15.44 -1.78 -23.18
C THR A 241 14.11 -1.77 -23.95
N PRO A 242 13.36 -0.67 -23.88
CA PRO A 242 12.05 -0.62 -24.55
C PRO A 242 12.18 -0.66 -26.06
N GLY A 243 11.18 -1.30 -26.69
CA GLY A 243 11.00 -1.20 -28.13
C GLY A 243 10.17 0.01 -28.52
N ALA A 244 10.04 0.21 -29.84
CA ALA A 244 9.38 1.40 -30.36
C ALA A 244 7.93 1.49 -29.89
N GLU A 245 7.28 0.35 -29.72
CA GLU A 245 5.88 0.35 -29.34
C GLU A 245 5.70 0.93 -27.94
N LEU A 246 6.58 0.58 -27.01
CA LEU A 246 6.45 1.16 -25.68
C LEU A 246 6.94 2.60 -25.69
N LEU A 247 8.00 2.89 -26.46
CA LEU A 247 8.48 4.27 -26.56
C LEU A 247 7.36 5.22 -26.93
N LYS A 248 6.54 4.84 -27.92
CA LYS A 248 5.41 5.68 -28.33
C LYS A 248 4.54 6.08 -27.15
N LYS A 249 4.42 5.22 -26.15
CA LYS A 249 3.49 5.47 -25.06
C LYS A 249 4.07 6.31 -23.93
N ILE A 250 5.35 6.69 -24.01
CA ILE A 250 5.96 7.58 -23.03
C ILE A 250 5.69 9.02 -23.46
N SER A 251 4.93 9.76 -22.65
CA SER A 251 4.45 11.07 -23.06
C SER A 251 5.56 12.11 -23.03
N SER A 252 6.40 12.09 -22.00
N SER A 252 6.39 12.10 -21.98
CA SER A 252 7.47 13.08 -21.86
CA SER A 252 7.48 13.06 -21.87
C SER A 252 8.49 12.94 -22.98
C SER A 252 8.48 12.91 -23.02
N GLU A 253 8.49 13.87 -23.94
CA GLU A 253 9.50 13.85 -24.99
C GLU A 253 10.89 13.83 -24.38
N SER A 254 11.05 14.45 -23.22
CA SER A 254 12.36 14.45 -22.57
C SER A 254 12.69 13.09 -21.95
N ALA A 255 11.70 12.41 -21.39
CA ALA A 255 11.93 11.05 -20.89
C ALA A 255 12.22 10.08 -22.04
N ARG A 256 11.39 10.12 -23.08
N ARG A 256 11.47 10.21 -23.14
CA ARG A 256 11.88 9.71 -24.38
CA ARG A 256 11.71 9.38 -24.32
C ARG A 256 13.08 10.59 -24.67
C ARG A 256 13.12 9.55 -24.84
N ASN A 257 13.91 10.15 -25.60
N ASN A 257 13.55 10.81 -25.02
CA ASN A 257 15.16 10.88 -25.81
CA ASN A 257 14.86 11.09 -25.58
C ASN A 257 16.17 10.44 -24.74
C ASN A 257 15.96 10.43 -24.75
N TYR A 258 15.83 10.51 -23.44
CA TYR A 258 16.80 9.95 -22.51
C TYR A 258 16.87 8.43 -22.65
N ILE A 259 15.72 7.75 -22.60
N ILE A 259 15.72 7.76 -22.66
CA ILE A 259 15.70 6.30 -22.79
CA ILE A 259 15.73 6.30 -22.75
C ILE A 259 16.47 5.95 -24.06
C ILE A 259 16.34 5.85 -24.08
N GLN A 260 16.17 6.66 -25.15
CA GLN A 260 16.82 6.38 -26.43
C GLN A 260 18.33 6.64 -26.38
N SER A 261 18.83 7.33 -25.36
CA SER A 261 20.27 7.52 -25.28
C SER A 261 21.00 6.26 -24.81
N LEU A 262 20.27 5.26 -24.34
CA LEU A 262 20.88 4.08 -23.74
C LEU A 262 21.14 3.01 -24.79
N THR A 263 22.28 2.33 -24.66
CA THR A 263 22.58 1.20 -25.53
C THR A 263 21.53 0.11 -25.34
N GLN A 264 21.02 -0.43 -26.45
CA GLN A 264 19.96 -1.42 -26.36
C GLN A 264 20.50 -2.71 -25.73
N MET A 265 19.62 -3.42 -25.02
CA MET A 265 19.96 -4.62 -24.27
C MET A 265 18.79 -5.56 -24.40
N PRO A 266 19.04 -6.86 -24.58
CA PRO A 266 17.93 -7.82 -24.62
C PRO A 266 17.48 -8.24 -23.23
N LYS A 267 16.25 -8.71 -23.15
CA LYS A 267 15.76 -9.34 -21.93
C LYS A 267 16.65 -10.52 -21.56
N MET A 268 16.98 -10.62 -20.28
CA MET A 268 17.80 -11.69 -19.75
C MET A 268 16.99 -12.98 -19.58
N ASN A 269 17.70 -14.09 -19.45
CA ASN A 269 17.10 -15.39 -19.15
C ASN A 269 16.83 -15.47 -17.64
N PHE A 270 15.56 -15.46 -17.25
CA PHE A 270 15.24 -15.39 -15.82
C PHE A 270 15.61 -16.68 -15.10
N ALA A 271 15.63 -17.81 -15.82
CA ALA A 271 16.09 -19.06 -15.21
C ALA A 271 17.55 -18.98 -14.78
N ASN A 272 18.34 -18.15 -15.47
CA ASN A 272 19.73 -17.97 -15.08
C ASN A 272 19.93 -16.84 -14.08
N VAL A 273 18.88 -16.06 -13.81
CA VAL A 273 18.92 -15.06 -12.74
C VAL A 273 18.41 -15.65 -11.43
N PHE A 274 17.28 -16.34 -11.47
CA PHE A 274 16.70 -16.94 -10.27
C PHE A 274 17.06 -18.42 -10.22
N ILE A 275 18.36 -18.63 -9.98
CA ILE A 275 18.92 -19.97 -10.10
C ILE A 275 18.27 -20.90 -9.11
N GLY A 276 17.81 -22.05 -9.62
CA GLY A 276 17.18 -23.06 -8.83
C GLY A 276 15.73 -22.81 -8.47
N ALA A 277 15.14 -21.70 -8.89
CA ALA A 277 13.75 -21.47 -8.52
C ALA A 277 12.82 -22.39 -9.31
N ASN A 278 11.64 -22.63 -8.73
CA ASN A 278 10.51 -23.31 -9.36
C ASN A 278 10.30 -22.74 -10.75
N PRO A 279 10.33 -23.56 -11.81
CA PRO A 279 10.06 -23.01 -13.16
C PRO A 279 8.75 -22.26 -13.24
N LEU A 280 7.74 -22.64 -12.47
CA LEU A 280 6.48 -21.87 -12.53
C LEU A 280 6.64 -20.51 -11.88
N ALA A 281 7.47 -20.38 -10.84
CA ALA A 281 7.75 -19.06 -10.27
C ALA A 281 8.46 -18.17 -11.29
N VAL A 282 9.41 -18.74 -12.03
CA VAL A 282 10.13 -17.97 -13.05
C VAL A 282 9.16 -17.47 -14.12
N ASP A 283 8.26 -18.34 -14.57
CA ASP A 283 7.27 -17.94 -15.58
C ASP A 283 6.40 -16.80 -15.06
N LEU A 284 5.93 -16.90 -13.81
CA LEU A 284 5.10 -15.83 -13.27
C LEU A 284 5.88 -14.52 -13.16
N LEU A 285 7.15 -14.61 -12.74
CA LEU A 285 7.97 -13.40 -12.67
C LEU A 285 8.14 -12.77 -14.04
N GLU A 286 8.29 -13.60 -15.09
CA GLU A 286 8.44 -13.03 -16.42
C GLU A 286 7.17 -12.29 -16.84
N LYS A 287 6.02 -12.71 -16.32
CA LYS A 287 4.76 -12.10 -16.68
C LYS A 287 4.40 -10.88 -15.81
N MET A 288 4.95 -10.77 -14.60
CA MET A 288 4.73 -9.53 -13.88
C MET A 288 5.78 -8.47 -14.16
N LEU A 289 7.01 -8.85 -14.44
CA LEU A 289 8.06 -7.83 -14.63
C LEU A 289 8.22 -7.51 -16.11
N VAL A 290 7.14 -7.04 -16.70
CA VAL A 290 7.10 -6.59 -18.08
C VAL A 290 7.13 -5.07 -18.08
N LEU A 291 7.97 -4.47 -18.92
CA LEU A 291 8.13 -3.03 -18.90
C LEU A 291 6.85 -2.32 -19.32
N ASP A 292 6.21 -2.78 -20.41
CA ASP A 292 4.96 -2.18 -20.89
C ASP A 292 3.80 -2.58 -19.96
N SER A 293 3.28 -1.61 -19.19
CA SER A 293 2.22 -1.95 -18.24
C SER A 293 0.93 -2.44 -18.92
N ASP A 294 0.74 -2.15 -20.22
CA ASP A 294 -0.43 -2.67 -20.92
C ASP A 294 -0.39 -4.19 -21.02
N LYS A 295 0.79 -4.79 -20.89
CA LYS A 295 1.01 -6.21 -21.16
C LYS A 295 1.31 -7.01 -19.90
N ARG A 296 1.45 -6.34 -18.75
CA ARG A 296 1.64 -7.03 -17.48
C ARG A 296 0.42 -7.86 -17.12
N ILE A 297 0.65 -9.00 -16.46
CA ILE A 297 -0.46 -9.82 -15.94
C ILE A 297 -1.23 -9.02 -14.87
N THR A 298 -2.56 -9.22 -14.82
CA THR A 298 -3.35 -8.59 -13.78
C THR A 298 -3.44 -9.51 -12.56
N ALA A 299 -3.94 -8.97 -11.44
CA ALA A 299 -4.09 -9.81 -10.25
C ALA A 299 -5.01 -11.00 -10.54
N ALA A 300 -6.16 -10.75 -11.17
CA ALA A 300 -7.10 -11.83 -11.43
C ALA A 300 -6.49 -12.90 -12.32
N GLN A 301 -5.74 -12.49 -13.34
CA GLN A 301 -5.06 -13.47 -14.20
C GLN A 301 -4.00 -14.23 -13.41
N ALA A 302 -3.27 -13.54 -12.53
CA ALA A 302 -2.18 -14.22 -11.83
C ALA A 302 -2.72 -15.26 -10.84
N LEU A 303 -3.89 -15.01 -10.22
CA LEU A 303 -4.44 -16.00 -9.31
C LEU A 303 -4.70 -17.34 -10.01
N ALA A 304 -4.95 -17.33 -11.31
CA ALA A 304 -5.23 -18.55 -12.07
C ALA A 304 -3.96 -19.22 -12.61
N HIS A 305 -2.78 -18.66 -12.34
CA HIS A 305 -1.51 -19.22 -12.81
C HIS A 305 -1.22 -20.51 -12.06
N ALA A 306 -0.61 -21.48 -12.77
CA ALA A 306 -0.37 -22.78 -12.17
C ALA A 306 0.51 -22.71 -10.94
N TYR A 307 1.25 -21.61 -10.74
CA TYR A 307 2.09 -21.51 -9.54
C TYR A 307 1.25 -21.59 -8.27
N PHE A 308 -0.01 -21.13 -8.32
CA PHE A 308 -0.88 -21.09 -7.15
C PHE A 308 -1.90 -22.22 -7.13
N ALA A 309 -1.67 -23.30 -7.87
CA ALA A 309 -2.69 -24.33 -8.01
C ALA A 309 -3.12 -24.89 -6.65
N GLN A 310 -2.22 -24.94 -5.67
CA GLN A 310 -2.64 -25.56 -4.42
C GLN A 310 -3.49 -24.62 -3.55
N TYR A 311 -3.55 -23.31 -3.86
CA TYR A 311 -4.34 -22.36 -3.09
C TYR A 311 -5.50 -21.75 -3.86
N HIS A 312 -5.45 -21.72 -5.19
CA HIS A 312 -6.44 -21.02 -6.00
C HIS A 312 -7.83 -21.62 -5.81
N ASP A 313 -8.80 -20.73 -5.57
CA ASP A 313 -10.20 -21.12 -5.41
C ASP A 313 -11.03 -19.98 -5.99
N PRO A 314 -11.52 -20.12 -7.22
CA PRO A 314 -12.26 -19.02 -7.84
C PRO A 314 -13.53 -18.63 -7.09
N ASP A 315 -14.04 -19.46 -6.19
CA ASP A 315 -15.23 -19.11 -5.40
C ASP A 315 -14.88 -18.50 -4.06
N ASP A 316 -13.62 -18.27 -3.77
CA ASP A 316 -13.16 -17.66 -2.52
C ASP A 316 -12.11 -16.59 -2.78
N GLU A 317 -12.28 -15.84 -3.88
CA GLU A 317 -11.42 -14.71 -4.23
C GLU A 317 -12.31 -13.52 -4.57
N PRO A 318 -12.93 -12.92 -3.55
CA PRO A 318 -14.04 -12.00 -3.79
C PRO A 318 -13.58 -10.62 -4.27
N VAL A 319 -14.52 -9.91 -4.87
CA VAL A 319 -14.31 -8.56 -5.35
C VAL A 319 -15.02 -7.59 -4.40
N ALA A 320 -14.74 -6.30 -4.58
CA ALA A 320 -15.22 -5.25 -3.68
C ALA A 320 -16.56 -4.66 -4.15
N ASP A 321 -17.32 -4.12 -3.19
CA ASP A 321 -18.45 -3.28 -3.55
C ASP A 321 -17.97 -2.07 -4.33
N PRO A 322 -18.85 -1.49 -5.16
CA PRO A 322 -18.46 -0.28 -5.91
C PRO A 322 -18.00 0.81 -4.95
N TYR A 323 -16.99 1.57 -5.38
CA TYR A 323 -16.37 2.58 -4.54
C TYR A 323 -16.43 3.92 -5.30
N ASP A 324 -17.18 4.87 -4.76
CA ASP A 324 -17.43 6.12 -5.47
C ASP A 324 -16.31 7.10 -5.14
N GLN A 325 -15.46 7.38 -6.13
CA GLN A 325 -14.33 8.28 -5.95
C GLN A 325 -14.54 9.62 -6.61
N SER A 326 -15.79 10.00 -6.86
CA SER A 326 -16.00 11.26 -7.56
C SER A 326 -15.43 12.43 -6.78
N PHE A 327 -15.30 12.29 -5.46
CA PHE A 327 -14.78 13.39 -4.64
C PHE A 327 -13.36 13.76 -5.04
N GLU A 328 -12.63 12.85 -5.69
CA GLU A 328 -11.25 13.16 -6.03
C GLU A 328 -11.14 14.32 -7.01
N SER A 329 -12.14 14.46 -7.90
CA SER A 329 -12.24 15.54 -8.89
C SER A 329 -12.87 16.80 -8.32
N ARG A 330 -13.29 16.79 -7.07
CA ARG A 330 -14.02 17.90 -6.46
C ARG A 330 -13.09 18.90 -5.81
N ASP A 331 -13.42 20.18 -5.97
CA ASP A 331 -12.75 21.26 -5.28
C ASP A 331 -13.71 21.78 -4.21
N LEU A 332 -13.33 21.63 -2.94
CA LEU A 332 -14.13 22.12 -1.83
C LEU A 332 -13.27 22.96 -0.90
N LEU A 333 -13.93 23.69 0.00
CA LEU A 333 -13.25 24.43 1.07
C LEU A 333 -12.96 23.50 2.26
N ILE A 334 -12.05 23.96 3.12
CA ILE A 334 -11.64 23.16 4.28
C ILE A 334 -12.86 22.71 5.07
N ASP A 335 -13.74 23.64 5.41
CA ASP A 335 -14.90 23.36 6.25
C ASP A 335 -15.86 22.37 5.59
N GLU A 336 -15.88 22.31 4.26
CA GLU A 336 -16.72 21.35 3.56
C GLU A 336 -16.12 19.95 3.60
N TRP A 337 -14.79 19.82 3.38
CA TRP A 337 -14.14 18.53 3.59
C TRP A 337 -14.31 18.07 5.02
N LYS A 338 -14.26 19.01 5.95
CA LYS A 338 -14.38 18.67 7.37
C LYS A 338 -15.78 18.14 7.67
N SER A 339 -16.81 18.78 7.11
CA SER A 339 -18.16 18.31 7.39
C SER A 339 -18.40 16.94 6.71
N LEU A 340 -17.85 16.74 5.52
CA LEU A 340 -17.92 15.42 4.88
C LEU A 340 -17.27 14.37 5.77
N THR A 341 -16.11 14.68 6.31
CA THR A 341 -15.41 13.75 7.20
C THR A 341 -16.23 13.47 8.45
N TYR A 342 -16.77 14.51 9.07
CA TYR A 342 -17.59 14.33 10.27
C TYR A 342 -18.77 13.39 9.99
N ASP A 343 -19.45 13.59 8.86
CA ASP A 343 -20.54 12.70 8.50
C ASP A 343 -20.09 11.25 8.45
N GLU A 344 -18.90 11.00 7.88
CA GLU A 344 -18.42 9.63 7.77
C GLU A 344 -18.03 9.06 9.13
N VAL A 345 -17.55 9.91 10.05
CA VAL A 345 -17.28 9.43 11.42
C VAL A 345 -18.58 8.96 12.06
N ILE A 346 -19.60 9.81 12.03
CA ILE A 346 -20.79 9.50 12.80
C ILE A 346 -21.62 8.38 12.18
N SER A 347 -21.49 8.13 10.88
CA SER A 347 -22.22 7.03 10.25
C SER A 347 -21.50 5.68 10.34
N PHE A 348 -20.29 5.62 10.90
CA PHE A 348 -19.53 4.37 10.93
C PHE A 348 -20.26 3.30 11.73
N VAL A 349 -20.27 2.08 11.18
CA VAL A 349 -20.84 0.91 11.83
C VAL A 349 -19.74 -0.13 12.00
N PRO A 350 -19.53 -0.63 13.22
CA PRO A 350 -18.39 -1.53 13.45
C PRO A 350 -18.58 -2.84 12.71
N PRO A 351 -17.48 -3.52 12.38
CA PRO A 351 -17.60 -4.84 11.80
C PRO A 351 -18.12 -5.82 12.83
N PRO A 352 -18.65 -6.97 12.40
CA PRO A 352 -18.89 -8.07 13.34
C PRO A 352 -17.57 -8.71 13.76
N LEU A 353 -17.58 -9.30 14.95
CA LEU A 353 -16.40 -10.01 15.42
C LEU A 353 -16.32 -11.40 14.79
C01 6GI B . 7.34 14.33 -10.27
C02 6GI B . 8.56 14.61 -10.83
C03 6GI B . 9.70 13.82 -10.56
C04 6GI B . 9.59 12.72 -9.72
C05 6GI B . 8.30 12.40 -9.12
C08 6GI B . 6.58 11.49 -7.98
C09 6GI B . 6.09 12.64 -8.69
C10 6GI B . 5.64 10.52 -7.00
C12 6GI B . 4.16 12.06 -5.57
C13 6GI B . 4.35 13.41 -5.93
C14 6GI B . 3.34 14.40 -5.78
C15 6GI B . 2.03 14.15 -5.25
C16 6GI B . 1.88 12.81 -4.88
C17 6GI B . 2.88 11.80 -5.03
C18 6GI B . 0.87 15.29 -5.06
C20 6GI B . -1.01 15.72 -3.42
C22 6GI B . 0.98 17.29 -3.49
C25 6GI B . -1.44 13.83 -4.68
C26 6GI B . -2.51 14.00 -3.81
C28 6GI B . -1.47 12.69 -5.59
C29 6GI B . -2.56 11.79 -5.61
C30 6GI B . -3.67 11.93 -4.76
C31 6GI B . -3.65 13.03 -3.83
C33 6GI B . -3.32 9.59 -6.00
C34 6GI B . -3.10 9.30 -4.45
C35 6GI B . -4.32 9.88 -3.80
N06 6GI B . 7.21 13.20 -9.40
N07 6GI B . 7.96 11.36 -8.26
N19 6GI B . -0.44 14.88 -4.46
N21 6GI B . -0.29 16.91 -2.93
N23 6GI B . 1.49 16.56 -4.47
N24 6GI B . 1.67 18.47 -2.99
N27 6GI B . -2.23 15.21 -3.00
O11 6GI B . 5.13 11.02 -5.70
O32 6GI B . -2.53 10.68 -6.50
O36 6GI B . -4.74 10.99 -4.68
H1 6GI B . 6.48 14.95 -10.49
H2 6GI B . 8.69 15.49 -11.51
H3 6GI B . 10.67 14.09 -11.02
H4 6GI B . 10.47 12.14 -9.53
H5 6GI B . 5.10 13.05 -8.71
H6 6GI B . 4.77 10.21 -7.60
H7 6GI B . 6.22 9.60 -6.79
H8 6GI B . 5.32 13.70 -6.36
H9 6GI B . 3.60 15.42 -6.10
H10 6GI B . 0.91 12.52 -4.45
H11 6GI B . 2.62 10.79 -4.72
H12 6GI B . 0.44 15.59 -6.07
H14 6GI B . -0.64 12.56 -6.25
H15 6GI B . -4.49 13.11 -3.15
H16 6GI B . -4.39 9.76 -6.18
H17 6GI B . -3.12 8.67 -6.57
H18 6GI B . -2.96 8.23 -4.22
H19 6GI B . -2.16 9.74 -4.06
H20 6GI B . -4.12 10.17 -2.74
H21 6GI B . -5.10 9.11 -3.62
H24 6GI B . 2.56 18.83 -3.31
H25 6GI B . 1.33 19.11 -2.25
C1 GOL C . 20.25 -7.02 -0.99
O1 GOL C . 20.38 -7.17 0.46
C2 GOL C . 21.73 -6.92 -1.54
O2 GOL C . 21.87 -6.75 -2.92
C3 GOL C . 22.28 -5.69 -0.77
O3 GOL C . 23.69 -5.73 -0.77
H11 GOL C . 19.80 -7.78 -1.40
H12 GOL C . 19.74 -6.24 -1.25
HO1 GOL C . 21.19 -7.48 0.61
H2 GOL C . 22.19 -7.75 -1.36
HO2 GOL C . 21.27 -6.23 -3.19
H31 GOL C . 21.93 -4.89 -1.19
H32 GOL C . 21.91 -5.70 0.13
HO3 GOL C . 23.92 -6.16 -0.08
C1 GOL D . 24.17 9.10 -12.25
O1 GOL D . 22.85 9.60 -12.21
C2 GOL D . 24.18 7.57 -11.99
O2 GOL D . 23.50 7.21 -10.86
C3 GOL D . 23.59 6.94 -13.26
O3 GOL D . 23.91 5.57 -13.28
H11 GOL D . 24.59 9.27 -13.11
H12 GOL D . 24.73 9.53 -11.59
HO1 GOL D . 22.36 8.98 -11.90
H2 GOL D . 25.10 7.27 -11.84
HO2 GOL D . 22.86 6.71 -11.11
H31 GOL D . 22.63 7.10 -13.26
H32 GOL D . 23.93 7.42 -14.04
HO3 GOL D . 24.25 5.38 -12.51
C1 GOL E . -17.30 26.20 -1.99
O1 GOL E . -16.51 25.28 -2.65
C2 GOL E . -18.55 26.46 -2.88
O2 GOL E . -18.64 25.58 -3.93
C3 GOL E . -19.68 26.32 -1.85
O3 GOL E . -20.11 25.01 -1.92
H11 GOL E . -17.59 25.90 -1.12
H12 GOL E . -16.83 27.05 -1.85
HO1 GOL E . -16.13 24.79 -2.05
H2 GOL E . -18.54 27.32 -3.32
HO2 GOL E . -18.16 24.94 -3.76
H31 GOL E . -19.34 26.58 -0.98
H32 GOL E . -20.37 26.97 -2.06
HO3 GOL E . -19.44 24.49 -1.74
C1 GOL F . -3.81 2.80 10.26
O1 GOL F . -4.65 3.90 10.28
C2 GOL F . -3.44 2.53 8.80
O2 GOL F . -2.22 3.04 8.48
C3 GOL F . -3.46 1.00 8.71
O3 GOL F . -3.06 0.67 7.41
H11 GOL F . -3.01 2.94 10.77
H12 GOL F . -4.23 2.01 10.63
HO1 GOL F . -4.34 4.45 9.72
H2 GOL F . -4.07 2.94 8.19
HO2 GOL F . -1.64 2.54 8.84
H31 GOL F . -2.87 0.64 9.39
H32 GOL F . -4.34 0.68 8.93
HO3 GOL F . -2.60 1.32 7.11
C1 GOL G . -18.20 4.20 3.53
O1 GOL G . -18.64 5.45 3.83
C2 GOL G . -19.03 3.14 4.31
O2 GOL G . -20.32 3.53 4.56
C3 GOL G . -18.97 1.94 3.34
O3 GOL G . -19.35 0.82 4.03
H11 GOL G . -18.26 4.00 2.58
H12 GOL G . -17.26 4.08 3.77
HO1 GOL G . -19.43 5.36 4.16
H2 GOL G . -18.67 2.97 5.19
HO2 GOL G . -20.77 3.32 3.90
H31 GOL G . -19.53 2.14 2.57
H32 GOL G . -18.07 1.89 2.99
HO3 GOL G . -19.98 1.06 4.53
#